data_6R3O
#
_entry.id   6R3O
#
_cell.length_a   95.830
_cell.length_b   64.100
_cell.length_c   87.610
_cell.angle_alpha   90.00
_cell.angle_beta   90.00
_cell.angle_gamma   90.00
#
_symmetry.space_group_name_H-M   'P 21 21 2'
#
loop_
_entity.id
_entity.type
_entity.pdbx_description
1 polymer 'Ferulic acid decarboxylase 1'
2 non-polymer '1-deoxy-5-O-phosphono-1-(3,3,4,5-tetramethyl-9,11-dioxo-2,3,8,9,10,11-hexahydro-7H-quinolino[1,8-fg]pteridin-12-ium-7-y l)-D-ribitol'
3 non-polymer 'MANGANESE (II) ION'
4 non-polymer 'POTASSIUM ION'
5 non-polymer 'phenylpropiolic acid'
6 water water
#
_entity_poly.entity_id   1
_entity_poly.type   'polypeptide(L)'
_entity_poly.pdbx_seq_one_letter_code
;MSAQPAHLCFRSFVEALKVDNDLVEINTPIDPNLEAAAITRRVCETNDKAPLFNNLIGMKNGLFRILGAPGSLRKSSADR
YGRLARHLALPPTASMREILDKMLSASDMPPIPPTIVPTGPCKENSLDDSEFDLTELPVPLIHKSDGGKYIQTYGMHIVQ
SPDGTWTNWSIARAMVHDKNHLTGLVIPPQHIWQIHQMWKKEGRSDVPWALAFGVPPAAIMASSMPIPDGVTEAGYVGAM
TGSSLELVKCDTNDLYVPATSEIVLEGTLSISETGPEGPFGEMHGYIFPGDTHLGAKYKVNRITYRNNAIMPMSSCGRLT
DETHTMIGSLAAAEIRKLCQQNDLPITDAFAPFESQVTWVALRVDTEKLRAMKTTSEGFRKRVGDVVFNHKAGYTIHRLV
LVGDDIDVYEGKDVLWAFSTRCRPGMDETLFEDVRGFPGIPYMGHGNGPAHRGGKVVSDALMPTEYTTGRNWEAADFNQS
YPEDLKQKVLDNWTKMGFSNLEHHHHHH
;
_entity_poly.pdbx_strand_id   A
#
loop_
_chem_comp.id
_chem_comp.type
_chem_comp.name
_chem_comp.formula
4LU non-polymer '1-deoxy-5-O-phosphono-1-(3,3,4,5-tetramethyl-9,11-dioxo-2,3,8,9,10,11-hexahydro-7H-quinolino[1,8-fg]pteridin-12-ium-7-y l)-D-ribitol' 'C22 H30 N4 O9 P 1'
JQ8 non-polymer 'phenylpropiolic acid' 'C9 H6 O2'
K non-polymer 'POTASSIUM ION' 'K 1'
MN non-polymer 'MANGANESE (II) ION' 'Mn 2'
#
# COMPACT_ATOMS: atom_id res chain seq x y z
N GLN A 4 15.46 -17.54 -8.96
CA GLN A 4 14.32 -16.73 -9.46
C GLN A 4 14.64 -15.24 -9.16
N PRO A 5 14.20 -14.37 -10.01
CA PRO A 5 14.38 -12.94 -9.77
C PRO A 5 13.68 -12.42 -8.54
N ALA A 6 14.27 -11.41 -7.89
CA ALA A 6 13.72 -10.83 -6.61
C ALA A 6 12.32 -10.35 -6.82
N HIS A 7 11.94 -9.77 -7.90
CA HIS A 7 10.57 -9.28 -8.02
C HIS A 7 9.58 -10.35 -8.21
N LEU A 8 9.99 -11.56 -8.57
CA LEU A 8 9.14 -12.71 -8.82
C LEU A 8 9.15 -13.78 -7.79
N CYS A 9 9.91 -13.63 -6.70
CA CYS A 9 10.03 -14.66 -5.68
C CYS A 9 10.43 -14.00 -4.39
N PHE A 10 9.59 -14.14 -3.34
CA PHE A 10 9.88 -13.51 -2.09
C PHE A 10 11.18 -13.98 -1.46
N ARG A 11 11.51 -15.27 -1.61
CA ARG A 11 12.74 -15.73 -1.02
C ARG A 11 13.93 -15.02 -1.63
N SER A 12 13.91 -14.83 -2.92
CA SER A 12 14.92 -14.07 -3.64
C SER A 12 14.97 -12.62 -3.23
N PHE A 13 13.78 -12.00 -2.98
CA PHE A 13 13.71 -10.65 -2.44
C PHE A 13 14.42 -10.50 -1.14
N VAL A 14 14.22 -11.44 -0.25
CA VAL A 14 14.94 -11.39 1.05
C VAL A 14 16.45 -11.41 0.82
N GLU A 15 16.94 -12.10 -0.22
N GLU A 15 16.87 -12.36 0.02
CA GLU A 15 18.40 -12.13 -0.50
CA GLU A 15 18.25 -12.42 -0.31
C GLU A 15 18.83 -10.87 -1.04
C GLU A 15 18.73 -11.09 -0.99
N ALA A 16 17.96 -10.33 -1.85
CA ALA A 16 18.28 -9.06 -2.38
C ALA A 16 18.46 -8.03 -1.28
N LEU A 17 17.60 -7.98 -0.27
CA LEU A 17 17.78 -7.03 0.79
C LEU A 17 19.12 -7.27 1.53
N LYS A 18 19.45 -8.49 1.74
N LYS A 18 19.43 -8.54 1.69
CA LYS A 18 20.78 -8.78 2.33
CA LYS A 18 20.71 -8.94 2.33
C LYS A 18 21.91 -8.23 1.49
C LYS A 18 21.88 -8.40 1.51
N VAL A 19 21.90 -8.74 0.26
N VAL A 19 21.83 -8.35 0.17
CA VAL A 19 22.89 -8.15 -0.69
CA VAL A 19 23.06 -7.91 -0.57
C VAL A 19 23.00 -6.69 -0.67
C VAL A 19 23.05 -6.41 -0.73
N ASP A 20 21.90 -5.87 -0.55
CA ASP A 20 21.80 -4.45 -0.51
C ASP A 20 22.34 -3.83 0.83
N ASN A 21 22.67 -4.71 1.81
CA ASN A 21 22.99 -4.24 3.12
C ASN A 21 21.79 -3.45 3.75
N ASP A 22 20.63 -4.10 3.50
CA ASP A 22 19.32 -3.52 3.90
C ASP A 22 18.57 -4.47 4.76
N LEU A 23 19.22 -5.47 5.32
N LEU A 23 19.25 -5.30 5.50
CA LEU A 23 18.62 -6.50 6.17
CA LEU A 23 18.57 -6.31 6.26
C LEU A 23 19.45 -6.64 7.44
C LEU A 23 19.40 -6.81 7.40
N VAL A 24 18.80 -6.86 8.58
CA VAL A 24 19.44 -7.35 9.82
C VAL A 24 18.86 -8.68 10.16
N GLU A 25 19.66 -9.72 10.17
CA GLU A 25 19.22 -11.04 10.54
C GLU A 25 19.36 -11.22 12.04
N ILE A 26 18.32 -11.61 12.69
N ILE A 26 18.28 -11.43 12.80
CA ILE A 26 18.33 -11.72 14.12
CA ILE A 26 18.27 -11.66 14.29
C ILE A 26 18.15 -13.22 14.29
C ILE A 26 18.06 -13.16 14.52
N ASN A 27 19.18 -13.86 14.87
CA ASN A 27 19.21 -15.33 14.99
C ASN A 27 19.03 -15.77 16.45
N THR A 28 18.90 -14.88 17.37
CA THR A 28 18.61 -15.21 18.81
C THR A 28 17.11 -15.18 19.02
N PRO A 29 16.55 -15.76 20.04
CA PRO A 29 15.09 -15.84 20.13
C PRO A 29 14.47 -14.50 20.33
N ILE A 30 13.38 -14.31 19.55
CA ILE A 30 12.57 -13.08 19.61
C ILE A 30 11.11 -13.49 19.81
N ASP A 31 10.43 -12.81 20.66
CA ASP A 31 9.06 -13.15 21.00
C ASP A 31 8.05 -12.56 19.96
N PRO A 32 7.20 -13.36 19.36
CA PRO A 32 6.14 -12.76 18.52
C PRO A 32 5.17 -11.98 19.31
N ASN A 33 5.05 -12.19 20.62
CA ASN A 33 4.23 -11.33 21.44
C ASN A 33 4.95 -10.03 21.67
N LEU A 34 4.61 -9.03 20.82
CA LEU A 34 5.08 -7.67 20.82
C LEU A 34 6.49 -7.40 20.43
N GLU A 35 7.47 -8.22 20.80
CA GLU A 35 8.89 -7.89 20.55
C GLU A 35 9.26 -7.74 19.08
N ALA A 36 8.83 -8.70 18.27
CA ALA A 36 9.17 -8.63 16.84
C ALA A 36 8.56 -7.32 16.26
N ALA A 37 7.29 -7.06 16.62
CA ALA A 37 6.63 -5.87 16.13
C ALA A 37 7.22 -4.59 16.68
N ALA A 38 7.72 -4.57 17.91
CA ALA A 38 8.33 -3.40 18.48
C ALA A 38 9.61 -3.04 17.78
N ILE A 39 10.42 -4.06 17.49
CA ILE A 39 11.64 -3.86 16.77
C ILE A 39 11.29 -3.30 15.38
N THR A 40 10.33 -3.93 14.73
CA THR A 40 9.89 -3.46 13.37
C THR A 40 9.35 -2.08 13.43
N ARG A 41 8.60 -1.73 14.46
CA ARG A 41 8.06 -0.37 14.60
C ARG A 41 9.15 0.63 14.69
N ARG A 42 10.21 0.33 15.48
N ARG A 42 10.20 0.36 15.48
CA ARG A 42 11.38 1.20 15.61
CA ARG A 42 11.30 1.31 15.59
C ARG A 42 12.10 1.38 14.31
C ARG A 42 12.11 1.38 14.28
N VAL A 43 12.26 0.27 13.59
CA VAL A 43 12.81 0.32 12.24
C VAL A 43 12.06 1.31 11.37
N CYS A 44 10.72 1.17 11.34
CA CYS A 44 9.88 2.02 10.48
C CYS A 44 9.95 3.48 10.87
N GLU A 45 10.04 3.78 12.17
CA GLU A 45 10.08 5.17 12.59
C GLU A 45 11.43 5.76 12.40
N THR A 46 12.49 4.98 12.12
CA THR A 46 13.83 5.49 11.95
C THR A 46 14.36 5.16 10.60
N ASN A 47 13.63 4.59 9.66
CA ASN A 47 14.08 4.18 8.32
C ASN A 47 15.30 3.26 8.37
N ASP A 48 15.34 2.35 9.34
CA ASP A 48 16.49 1.40 9.46
C ASP A 48 16.30 0.23 8.54
N LYS A 49 17.26 -0.70 8.55
CA LYS A 49 17.25 -1.93 7.78
C LYS A 49 16.08 -2.82 8.20
N ALA A 50 15.60 -3.61 7.24
CA ALA A 50 14.50 -4.51 7.51
C ALA A 50 14.94 -5.64 8.45
N PRO A 51 14.19 -6.00 9.46
CA PRO A 51 14.59 -7.12 10.35
C PRO A 51 14.05 -8.42 9.86
N LEU A 52 14.89 -9.48 9.88
CA LEU A 52 14.53 -10.83 9.59
C LEU A 52 14.67 -11.68 10.91
N PHE A 53 13.61 -12.10 11.43
CA PHE A 53 13.61 -12.86 12.69
C PHE A 53 13.64 -14.31 12.33
N ASN A 54 14.87 -14.90 12.46
CA ASN A 54 15.12 -16.31 12.12
C ASN A 54 14.85 -17.22 13.30
N ASN A 55 14.61 -16.74 14.46
CA ASN A 55 14.44 -17.58 15.68
C ASN A 55 13.30 -17.03 16.47
N LEU A 56 12.12 -17.31 16.00
N LEU A 56 12.07 -17.29 16.02
CA LEU A 56 10.94 -16.73 16.53
CA LEU A 56 10.85 -16.81 16.72
C LEU A 56 10.39 -17.69 17.59
C LEU A 56 10.36 -17.75 17.68
N ILE A 57 10.15 -17.27 18.84
CA ILE A 57 9.66 -18.11 19.96
C ILE A 57 8.31 -18.64 19.55
N GLY A 58 8.15 -19.96 19.54
CA GLY A 58 6.90 -20.59 19.06
C GLY A 58 6.96 -21.15 17.71
N MET A 59 8.01 -20.90 16.92
N MET A 59 8.02 -20.91 16.96
CA MET A 59 8.20 -21.53 15.58
CA MET A 59 8.16 -21.61 15.68
C MET A 59 8.39 -23.04 15.76
C MET A 59 8.08 -23.13 15.95
N LYS A 60 7.59 -23.79 14.96
CA LYS A 60 7.66 -25.31 15.01
C LYS A 60 7.45 -25.82 13.63
N ASN A 61 8.22 -26.85 13.32
CA ASN A 61 8.01 -27.58 12.05
C ASN A 61 8.03 -26.62 10.87
N GLY A 62 8.79 -25.58 10.97
CA GLY A 62 9.04 -24.72 9.86
C GLY A 62 8.12 -23.53 9.87
N LEU A 63 7.14 -23.40 10.73
CA LEU A 63 6.22 -22.26 10.69
C LEU A 63 6.50 -21.44 11.94
N PHE A 64 7.05 -20.22 11.84
CA PHE A 64 7.59 -19.54 10.67
C PHE A 64 8.61 -18.52 11.17
N ARG A 65 9.42 -18.02 10.28
CA ARG A 65 10.29 -16.82 10.46
C ARG A 65 9.46 -15.58 10.12
N ILE A 66 9.89 -14.38 10.51
CA ILE A 66 9.17 -13.17 10.12
C ILE A 66 10.15 -12.21 9.46
N LEU A 67 9.75 -11.57 8.37
CA LEU A 67 10.42 -10.40 7.83
C LEU A 67 9.61 -9.17 8.11
N GLY A 68 10.08 -8.22 8.88
CA GLY A 68 9.36 -6.97 9.09
C GLY A 68 9.73 -5.92 8.09
N ALA A 69 8.88 -4.88 7.96
CA ALA A 69 9.18 -3.67 7.23
C ALA A 69 9.58 -3.97 5.75
N PRO A 70 8.87 -4.86 5.05
CA PRO A 70 9.26 -5.22 3.67
C PRO A 70 9.19 -4.12 2.68
N GLY A 71 8.32 -3.12 2.91
CA GLY A 71 8.10 -1.99 1.95
C GLY A 71 8.31 -0.65 2.54
N SER A 72 9.10 -0.56 3.62
CA SER A 72 9.39 0.66 4.33
C SER A 72 10.57 1.43 3.74
N LEU A 73 10.92 2.55 4.32
CA LEU A 73 11.90 3.48 3.71
C LEU A 73 13.30 3.18 4.16
N ARG A 74 14.27 3.51 3.31
CA ARG A 74 15.68 3.47 3.69
C ARG A 74 16.07 4.88 4.14
N LYS A 75 17.20 4.98 4.88
CA LYS A 75 17.57 6.25 5.50
C LYS A 75 18.15 7.25 4.49
N SER A 76 18.91 6.76 3.55
N SER A 76 18.93 6.72 3.61
CA SER A 76 19.45 7.74 2.56
CA SER A 76 19.56 7.54 2.59
C SER A 76 18.42 8.30 1.59
C SER A 76 18.59 8.15 1.55
N SER A 77 18.64 9.48 1.21
CA SER A 77 17.81 10.06 0.25
C SER A 77 18.03 9.41 -1.11
N ALA A 78 19.22 8.99 -1.45
CA ALA A 78 19.49 8.52 -2.81
C ALA A 78 18.76 7.19 -3.08
N ASP A 79 18.62 6.31 -2.09
CA ASP A 79 17.90 5.03 -2.33
C ASP A 79 16.72 4.94 -1.37
N ARG A 80 16.12 6.05 -1.01
CA ARG A 80 14.96 6.08 -0.06
C ARG A 80 13.92 5.02 -0.35
N TYR A 81 13.57 4.87 -1.64
CA TYR A 81 12.51 3.95 -2.06
C TYR A 81 13.05 2.62 -2.55
N GLY A 82 14.29 2.30 -2.18
CA GLY A 82 14.88 1.11 -2.70
C GLY A 82 14.22 -0.20 -2.42
N ARG A 83 13.54 -0.32 -1.25
CA ARG A 83 12.81 -1.55 -0.99
C ARG A 83 11.68 -1.71 -1.93
N LEU A 84 11.00 -0.61 -2.24
N LEU A 84 10.92 -0.63 -2.34
CA LEU A 84 9.97 -0.67 -3.17
CA LEU A 84 9.86 -0.65 -3.42
C LEU A 84 10.51 -1.04 -4.57
C LEU A 84 10.44 -0.94 -4.78
N ALA A 85 11.61 -0.36 -5.00
CA ALA A 85 12.23 -0.67 -6.28
C ALA A 85 12.57 -2.14 -6.39
N ARG A 86 12.99 -2.79 -5.31
CA ARG A 86 13.29 -4.18 -5.33
C ARG A 86 12.09 -5.08 -5.45
N HIS A 87 10.87 -4.55 -5.26
CA HIS A 87 9.67 -5.31 -5.59
C HIS A 87 9.39 -5.38 -7.10
N LEU A 88 10.10 -4.56 -7.91
CA LEU A 88 9.71 -4.27 -9.28
C LEU A 88 10.82 -4.39 -10.31
N ALA A 89 12.01 -4.84 -9.88
CA ALA A 89 13.20 -4.97 -10.83
C ALA A 89 13.69 -3.65 -11.18
N LEU A 90 13.38 -2.56 -10.51
CA LEU A 90 13.89 -1.26 -10.78
C LEU A 90 15.20 -1.01 -10.04
N PRO A 91 16.08 -0.12 -10.57
CA PRO A 91 17.26 0.24 -9.81
C PRO A 91 16.93 0.79 -8.44
N PRO A 92 17.75 0.56 -7.43
CA PRO A 92 17.40 0.94 -6.08
C PRO A 92 17.30 2.45 -5.87
N THR A 93 17.86 3.23 -6.77
CA THR A 93 17.81 4.64 -6.81
C THR A 93 16.57 5.25 -7.53
N ALA A 94 15.66 4.37 -7.94
CA ALA A 94 14.46 4.79 -8.63
C ALA A 94 13.67 5.86 -7.86
N SER A 95 13.18 6.86 -8.57
CA SER A 95 12.35 7.84 -7.98
C SER A 95 10.90 7.33 -7.81
N MET A 96 10.13 8.06 -7.02
N MET A 96 10.12 7.98 -6.93
CA MET A 96 8.77 7.71 -6.85
CA MET A 96 8.69 7.61 -6.85
C MET A 96 8.02 7.78 -8.13
C MET A 96 7.97 7.80 -8.17
N ARG A 97 8.27 8.77 -8.96
CA ARG A 97 7.65 8.87 -10.26
C ARG A 97 7.90 7.61 -11.06
N GLU A 98 9.15 7.10 -11.09
CA GLU A 98 9.48 5.89 -11.77
C GLU A 98 8.79 4.63 -11.24
N ILE A 99 8.68 4.55 -9.93
CA ILE A 99 7.97 3.44 -9.33
C ILE A 99 6.50 3.48 -9.72
N LEU A 100 5.88 4.64 -9.59
CA LEU A 100 4.44 4.75 -9.92
C LEU A 100 4.18 4.54 -11.36
N ASP A 101 5.07 5.04 -12.24
CA ASP A 101 4.91 4.77 -13.65
C ASP A 101 5.06 3.30 -13.94
N LYS A 102 5.92 2.59 -13.27
CA LYS A 102 6.02 1.16 -13.47
C LYS A 102 4.70 0.49 -13.08
N MET A 103 4.16 0.89 -11.93
CA MET A 103 2.86 0.36 -11.49
C MET A 103 1.69 0.67 -12.39
N LEU A 104 1.72 1.75 -13.11
CA LEU A 104 0.67 2.14 -14.05
C LEU A 104 0.94 1.58 -15.45
N SER A 105 2.10 1.06 -15.73
CA SER A 105 2.47 0.72 -17.13
C SER A 105 1.57 -0.30 -17.72
N ALA A 106 1.08 -1.26 -16.96
CA ALA A 106 0.23 -2.31 -17.47
C ALA A 106 -1.15 -1.86 -17.80
N SER A 107 -1.55 -0.65 -17.41
N SER A 107 -1.60 -0.67 -17.40
CA SER A 107 -2.85 -0.16 -17.69
CA SER A 107 -2.95 -0.25 -17.62
C SER A 107 -3.09 0.05 -19.19
C SER A 107 -3.36 -0.27 -19.08
N ASP A 108 -2.07 0.25 -19.98
N ASP A 108 -2.41 0.21 -19.85
CA ASP A 108 -2.48 0.19 -21.40
CA ASP A 108 -2.42 0.34 -21.30
C ASP A 108 -1.64 -0.82 -22.11
C ASP A 108 -2.16 -0.93 -22.16
N MET A 109 -1.68 -2.01 -21.52
CA MET A 109 -1.06 -3.17 -22.16
C MET A 109 -2.07 -4.30 -22.13
N PRO A 110 -1.98 -5.28 -23.06
CA PRO A 110 -2.73 -6.48 -22.93
C PRO A 110 -2.26 -7.24 -21.67
N PRO A 111 -3.23 -7.80 -20.92
CA PRO A 111 -2.78 -8.67 -19.80
C PRO A 111 -1.89 -9.80 -20.25
N ILE A 112 -1.00 -10.32 -19.44
CA ILE A 112 -0.29 -11.55 -19.68
C ILE A 112 -0.80 -12.57 -18.69
N PRO A 113 -1.72 -13.43 -19.06
CA PRO A 113 -2.31 -14.30 -18.07
C PRO A 113 -1.29 -15.23 -17.46
N PRO A 114 -1.53 -15.75 -16.24
CA PRO A 114 -0.61 -16.61 -15.57
C PRO A 114 -0.48 -17.98 -16.22
N THR A 115 0.60 -18.65 -15.89
CA THR A 115 0.94 -20.00 -16.40
C THR A 115 0.74 -20.96 -15.27
N ILE A 116 0.02 -22.07 -15.43
CA ILE A 116 -0.20 -23.08 -14.44
C ILE A 116 0.93 -24.04 -14.46
N VAL A 117 1.60 -24.34 -13.41
CA VAL A 117 2.62 -25.32 -13.23
C VAL A 117 2.16 -26.32 -12.22
N PRO A 118 2.71 -27.60 -12.28
CA PRO A 118 2.22 -28.67 -11.44
C PRO A 118 2.60 -28.61 -9.99
N THR A 119 3.71 -27.96 -9.68
CA THR A 119 4.15 -27.85 -8.30
C THR A 119 5.04 -26.61 -8.14
N GLY A 120 5.40 -26.39 -6.88
CA GLY A 120 6.36 -25.34 -6.54
C GLY A 120 6.76 -25.43 -5.12
N PRO A 121 7.63 -24.49 -4.69
CA PRO A 121 8.08 -24.51 -3.34
C PRO A 121 7.01 -24.41 -2.24
N CYS A 122 5.88 -23.77 -2.59
CA CYS A 122 4.82 -23.64 -1.60
C CYS A 122 4.17 -24.95 -1.25
N LYS A 123 4.52 -26.04 -1.98
CA LYS A 123 4.01 -27.40 -1.70
C LYS A 123 5.02 -28.20 -0.94
N GLU A 124 6.08 -27.66 -0.46
CA GLU A 124 7.12 -28.48 0.24
C GLU A 124 6.62 -29.08 1.46
N ASN A 125 5.67 -28.51 2.18
CA ASN A 125 5.11 -29.00 3.40
C ASN A 125 3.66 -28.78 3.43
N SER A 126 2.87 -29.57 4.12
CA SER A 126 1.49 -29.38 4.19
C SER A 126 0.93 -29.82 5.53
N LEU A 127 -0.16 -29.20 5.94
CA LEU A 127 -0.84 -29.55 7.19
C LEU A 127 -2.30 -29.58 6.93
N ASP A 128 -2.92 -30.78 7.14
CA ASP A 128 -4.34 -30.83 7.04
C ASP A 128 -5.09 -30.30 8.30
N ASP A 129 -6.42 -30.41 8.12
N ASP A 129 -6.41 -30.24 8.27
CA ASP A 129 -7.43 -30.04 9.11
CA ASP A 129 -7.15 -29.66 9.38
C ASP A 129 -7.32 -30.63 10.53
C ASP A 129 -6.94 -30.43 10.74
N SER A 130 -6.53 -31.68 10.66
CA SER A 130 -6.22 -32.38 11.96
C SER A 130 -4.83 -32.07 12.47
N GLU A 131 -4.00 -31.32 11.71
CA GLU A 131 -2.58 -31.16 12.00
C GLU A 131 -2.09 -29.73 12.28
N PHE A 132 -2.95 -28.72 12.11
CA PHE A 132 -2.58 -27.37 12.52
C PHE A 132 -3.58 -26.85 13.49
N ASP A 133 -3.14 -25.83 14.20
CA ASP A 133 -3.94 -25.02 15.07
C ASP A 133 -3.38 -23.62 15.02
N LEU A 134 -4.18 -22.70 14.49
CA LEU A 134 -3.66 -21.33 14.26
C LEU A 134 -3.31 -20.61 15.50
N THR A 135 -3.91 -21.03 16.64
CA THR A 135 -3.52 -20.46 17.93
C THR A 135 -2.18 -21.01 18.45
N GLU A 136 -1.60 -22.02 17.88
CA GLU A 136 -0.30 -22.51 18.29
C GLU A 136 0.82 -22.10 17.39
N LEU A 137 0.56 -21.35 16.32
CA LEU A 137 1.61 -20.82 15.55
C LEU A 137 2.16 -19.47 16.16
N PRO A 138 3.31 -19.04 15.78
CA PRO A 138 3.88 -17.83 16.40
C PRO A 138 3.40 -16.50 15.70
N VAL A 139 2.10 -16.42 15.67
CA VAL A 139 1.42 -15.28 15.09
C VAL A 139 1.74 -14.04 15.97
N PRO A 140 2.11 -12.91 15.43
CA PRO A 140 2.48 -11.80 16.26
C PRO A 140 1.31 -11.05 16.85
N LEU A 141 1.53 -10.58 18.08
CA LEU A 141 0.73 -9.47 18.63
C LEU A 141 1.49 -8.25 18.24
N ILE A 142 0.92 -7.40 17.38
CA ILE A 142 1.66 -6.30 16.75
C ILE A 142 1.65 -5.03 17.59
N HIS A 143 0.54 -4.73 18.27
CA HIS A 143 0.38 -3.58 19.11
C HIS A 143 -0.24 -4.05 20.43
N LYS A 144 0.17 -3.43 21.54
N LYS A 144 0.08 -3.48 21.57
CA LYS A 144 -0.21 -3.95 22.86
CA LYS A 144 -0.34 -4.12 22.83
C LYS A 144 -1.71 -4.04 23.09
C LYS A 144 -1.80 -4.14 23.02
N SER A 145 -2.55 -3.17 22.49
CA SER A 145 -3.99 -3.15 22.62
C SER A 145 -4.73 -3.84 21.51
N ASP A 146 -4.02 -4.49 20.55
CA ASP A 146 -4.75 -5.15 19.49
C ASP A 146 -5.74 -6.18 20.00
N GLY A 147 -6.82 -6.36 19.29
CA GLY A 147 -7.87 -7.31 19.72
C GLY A 147 -7.60 -8.73 19.27
N GLY A 148 -6.47 -9.02 18.68
CA GLY A 148 -6.11 -10.37 18.25
C GLY A 148 -4.71 -10.36 17.72
N LYS A 149 -4.25 -11.53 17.34
N LYS A 149 -4.24 -11.55 17.38
CA LYS A 149 -2.95 -11.71 16.76
CA LYS A 149 -2.94 -11.80 16.79
C LYS A 149 -3.11 -11.67 15.25
C LYS A 149 -3.12 -11.66 15.28
N TYR A 150 -2.56 -10.60 14.70
CA TYR A 150 -2.75 -10.29 13.24
C TYR A 150 -1.77 -11.05 12.42
N ILE A 151 -2.17 -12.26 12.05
CA ILE A 151 -1.42 -13.08 11.11
C ILE A 151 -1.25 -12.42 9.77
N GLN A 152 -2.25 -11.66 9.39
CA GLN A 152 -2.31 -11.17 8.02
C GLN A 152 -2.19 -9.68 7.96
N THR A 153 -0.96 -9.23 7.66
CA THR A 153 -0.65 -7.86 7.42
C THR A 153 0.06 -7.67 6.07
N TYR A 154 0.56 -8.71 5.42
CA TYR A 154 1.29 -8.51 4.15
C TYR A 154 1.12 -9.69 3.23
N GLY A 155 0.09 -10.52 3.42
CA GLY A 155 -0.28 -11.55 2.42
C GLY A 155 -1.36 -11.07 1.53
N MET A 156 -1.63 -11.89 0.54
CA MET A 156 -2.60 -11.58 -0.53
C MET A 156 -3.79 -12.51 -0.43
N HIS A 157 -4.96 -11.95 -0.26
CA HIS A 157 -6.22 -12.69 -0.41
C HIS A 157 -6.51 -12.94 -1.84
N ILE A 158 -6.95 -14.16 -2.14
CA ILE A 158 -7.31 -14.58 -3.49
C ILE A 158 -8.79 -15.02 -3.46
N VAL A 159 -9.62 -14.35 -4.19
CA VAL A 159 -11.05 -14.73 -4.34
C VAL A 159 -11.38 -14.51 -5.77
N GLN A 160 -12.41 -15.25 -6.26
CA GLN A 160 -12.83 -15.22 -7.68
C GLN A 160 -14.33 -14.99 -7.81
N SER A 161 -14.72 -14.23 -8.77
CA SER A 161 -16.18 -14.07 -8.99
C SER A 161 -16.81 -15.44 -9.22
N PRO A 162 -18.12 -15.56 -8.91
CA PRO A 162 -18.80 -16.86 -9.15
C PRO A 162 -18.75 -17.31 -10.61
N ASP A 163 -18.76 -16.41 -11.55
CA ASP A 163 -18.66 -16.78 -12.95
C ASP A 163 -17.28 -17.11 -13.43
N GLY A 164 -16.23 -17.01 -12.58
CA GLY A 164 -14.87 -17.36 -12.95
C GLY A 164 -14.11 -16.30 -13.70
N THR A 165 -14.69 -15.25 -14.11
CA THR A 165 -14.10 -14.29 -15.03
C THR A 165 -13.10 -13.32 -14.38
N TRP A 166 -13.18 -13.15 -13.06
CA TRP A 166 -12.31 -12.17 -12.37
C TRP A 166 -11.77 -12.83 -11.17
N THR A 167 -10.43 -12.87 -11.06
CA THR A 167 -9.74 -13.35 -9.86
C THR A 167 -9.00 -12.14 -9.24
N ASN A 168 -9.38 -11.77 -8.02
CA ASN A 168 -8.81 -10.60 -7.39
C ASN A 168 -7.76 -11.01 -6.39
N TRP A 169 -6.67 -10.23 -6.37
CA TRP A 169 -5.62 -10.28 -5.38
C TRP A 169 -5.56 -8.96 -4.61
N SER A 170 -5.64 -9.03 -3.27
CA SER A 170 -5.66 -7.80 -2.49
C SER A 170 -5.14 -8.07 -1.07
N ILE A 171 -4.62 -7.00 -0.46
CA ILE A 171 -4.28 -7.01 0.95
C ILE A 171 -5.48 -6.47 1.75
N ALA A 172 -5.90 -7.22 2.76
CA ALA A 172 -6.85 -6.76 3.83
C ALA A 172 -6.43 -7.41 5.10
N ARG A 173 -6.50 -6.77 6.23
CA ARG A 173 -6.00 -7.35 7.48
C ARG A 173 -6.87 -8.54 7.93
N ALA A 174 -6.22 -9.44 8.68
CA ALA A 174 -6.99 -10.52 9.35
C ALA A 174 -6.18 -10.96 10.51
N MET A 175 -6.94 -11.44 11.52
CA MET A 175 -6.43 -11.94 12.82
C MET A 175 -6.99 -13.32 13.11
N VAL A 176 -6.24 -14.03 13.98
CA VAL A 176 -6.71 -15.37 14.38
C VAL A 176 -7.94 -15.30 15.30
N HIS A 177 -8.98 -16.02 14.93
CA HIS A 177 -10.19 -16.17 15.76
C HIS A 177 -10.15 -17.43 16.62
N ASP A 178 -9.76 -18.53 16.05
CA ASP A 178 -9.63 -19.79 16.79
C ASP A 178 -8.79 -20.73 16.03
N LYS A 179 -8.72 -22.01 16.40
CA LYS A 179 -7.81 -22.90 15.78
C LYS A 179 -7.86 -22.97 14.23
N ASN A 180 -9.00 -22.72 13.67
CA ASN A 180 -9.15 -22.87 12.24
C ASN A 180 -9.94 -21.74 11.59
N HIS A 181 -9.98 -20.58 12.22
CA HIS A 181 -10.65 -19.42 11.61
C HIS A 181 -9.86 -18.18 11.84
N LEU A 182 -10.04 -17.26 10.87
CA LEU A 182 -9.60 -15.85 11.02
C LEU A 182 -10.79 -14.96 11.02
N THR A 183 -10.68 -13.74 11.52
CA THR A 183 -11.60 -12.71 11.21
C THR A 183 -10.87 -11.53 10.57
N GLY A 184 -11.52 -10.76 9.78
CA GLY A 184 -10.85 -9.65 9.12
C GLY A 184 -11.75 -8.64 8.52
N LEU A 185 -11.20 -7.56 7.98
N LEU A 185 -11.21 -7.65 7.89
CA LEU A 185 -11.95 -6.54 7.22
CA LEU A 185 -11.96 -6.53 7.44
C LEU A 185 -12.28 -6.97 5.82
C LEU A 185 -12.27 -6.76 5.94
N VAL A 186 -13.58 -6.95 5.56
CA VAL A 186 -14.12 -7.11 4.20
C VAL A 186 -15.14 -6.01 3.99
N ILE A 187 -14.77 -4.84 3.46
CA ILE A 187 -15.56 -3.63 3.53
C ILE A 187 -15.73 -3.02 2.18
N PRO A 188 -16.85 -2.32 1.93
CA PRO A 188 -16.97 -1.60 0.68
C PRO A 188 -16.05 -0.46 0.61
N PRO A 189 -15.54 -0.04 -0.55
CA PRO A 189 -15.83 -0.57 -1.85
C PRO A 189 -14.81 -1.60 -2.35
N GLN A 190 -14.13 -2.26 -1.45
CA GLN A 190 -12.96 -3.06 -1.83
C GLN A 190 -13.37 -4.24 -2.66
N HIS A 191 -12.48 -4.72 -3.52
CA HIS A 191 -12.83 -5.82 -4.41
C HIS A 191 -13.09 -7.11 -3.67
N ILE A 192 -12.47 -7.41 -2.55
CA ILE A 192 -12.78 -8.60 -1.84
C ILE A 192 -14.24 -8.51 -1.39
N TRP A 193 -14.70 -7.35 -0.98
CA TRP A 193 -16.10 -7.13 -0.62
C TRP A 193 -16.98 -7.21 -1.82
N GLN A 194 -16.63 -6.64 -2.95
CA GLN A 194 -17.48 -6.74 -4.12
C GLN A 194 -17.68 -8.15 -4.54
N ILE A 195 -16.65 -8.98 -4.54
CA ILE A 195 -16.76 -10.37 -4.86
C ILE A 195 -17.55 -11.10 -3.79
N HIS A 196 -17.32 -10.87 -2.54
N HIS A 196 -17.32 -10.83 -2.52
CA HIS A 196 -18.10 -11.51 -1.49
CA HIS A 196 -18.10 -11.42 -1.39
C HIS A 196 -19.59 -11.19 -1.76
C HIS A 196 -19.54 -11.20 -1.64
N GLN A 197 -19.95 -10.02 -2.11
CA GLN A 197 -21.40 -9.71 -2.29
C GLN A 197 -21.92 -10.52 -3.44
N MET A 198 -21.14 -10.81 -4.50
CA MET A 198 -21.65 -11.65 -5.56
C MET A 198 -21.96 -13.02 -5.06
N TRP A 199 -21.13 -13.61 -4.26
CA TRP A 199 -21.39 -14.95 -3.71
C TRP A 199 -22.56 -14.84 -2.74
N LYS A 200 -22.67 -13.84 -1.94
N LYS A 200 -22.67 -13.82 -1.92
CA LYS A 200 -23.79 -13.78 -0.99
CA LYS A 200 -23.85 -13.64 -1.03
C LYS A 200 -25.11 -13.66 -1.75
C LYS A 200 -25.12 -13.70 -1.80
N LYS A 201 -25.21 -12.94 -2.85
CA LYS A 201 -26.42 -12.84 -3.65
C LYS A 201 -26.70 -14.20 -4.25
N GLU A 202 -25.76 -14.96 -4.71
CA GLU A 202 -26.03 -16.28 -5.24
C GLU A 202 -26.53 -17.19 -4.14
N GLY A 203 -26.06 -17.05 -2.91
CA GLY A 203 -26.59 -17.70 -1.75
C GLY A 203 -26.36 -19.12 -1.54
N ARG A 204 -25.61 -19.81 -2.39
CA ARG A 204 -25.43 -21.27 -2.33
C ARG A 204 -24.27 -21.75 -1.52
N SER A 205 -23.11 -21.08 -1.59
N SER A 205 -23.21 -20.94 -1.42
CA SER A 205 -21.95 -21.48 -0.78
CA SER A 205 -21.84 -21.42 -1.18
C SER A 205 -21.11 -20.32 -0.32
C SER A 205 -21.06 -20.32 -0.43
N ASP A 206 -20.27 -20.70 0.61
CA ASP A 206 -19.18 -19.76 1.06
C ASP A 206 -18.24 -19.56 -0.09
N VAL A 207 -17.42 -18.50 0.04
CA VAL A 207 -16.52 -18.08 -1.08
C VAL A 207 -15.26 -18.92 -1.00
N PRO A 208 -14.91 -19.66 -2.04
CA PRO A 208 -13.59 -20.31 -2.04
C PRO A 208 -12.51 -19.22 -1.89
N TRP A 209 -11.52 -19.54 -1.11
CA TRP A 209 -10.53 -18.51 -0.69
C TRP A 209 -9.22 -19.09 -0.52
N ALA A 210 -8.15 -18.31 -0.77
CA ALA A 210 -6.80 -18.65 -0.35
C ALA A 210 -6.15 -17.35 0.14
N LEU A 211 -5.23 -17.47 1.02
CA LEU A 211 -4.37 -16.34 1.51
C LEU A 211 -2.93 -16.78 1.41
N ALA A 212 -2.21 -16.11 0.53
CA ALA A 212 -0.82 -16.47 0.28
C ALA A 212 0.10 -15.42 0.87
N PHE A 213 1.02 -15.82 1.70
CA PHE A 213 2.00 -14.94 2.32
C PHE A 213 3.33 -15.11 1.67
N GLY A 214 4.14 -14.05 1.56
CA GLY A 214 5.39 -14.20 0.89
C GLY A 214 5.25 -14.51 -0.52
N VAL A 215 4.41 -13.75 -1.20
CA VAL A 215 4.18 -13.88 -2.67
C VAL A 215 5.24 -13.09 -3.44
N PRO A 216 5.25 -13.27 -4.75
CA PRO A 216 6.14 -12.44 -5.56
C PRO A 216 6.01 -10.98 -5.23
N PRO A 217 7.06 -10.24 -4.99
CA PRO A 217 6.93 -8.86 -4.65
C PRO A 217 6.15 -8.05 -5.65
N ALA A 218 6.26 -8.30 -6.93
CA ALA A 218 5.50 -7.49 -7.86
C ALA A 218 4.00 -7.75 -7.67
N ALA A 219 3.62 -8.94 -7.30
CA ALA A 219 2.23 -9.27 -6.99
C ALA A 219 1.72 -8.56 -5.72
N ILE A 220 2.51 -8.45 -4.65
CA ILE A 220 2.02 -7.79 -3.46
C ILE A 220 1.84 -6.33 -3.72
N MET A 221 2.65 -5.71 -4.58
N MET A 221 2.63 -5.73 -4.62
CA MET A 221 2.43 -4.33 -4.95
CA MET A 221 2.46 -4.33 -5.03
C MET A 221 1.11 -4.16 -5.66
C MET A 221 1.11 -4.15 -5.69
N ALA A 222 0.81 -4.99 -6.68
CA ALA A 222 -0.52 -4.85 -7.33
C ALA A 222 -1.64 -5.17 -6.37
N SER A 223 -1.39 -6.07 -5.42
CA SER A 223 -2.41 -6.38 -4.40
C SER A 223 -2.79 -5.18 -3.61
N SER A 224 -1.90 -4.21 -3.44
N SER A 224 -1.92 -4.20 -3.42
CA SER A 224 -2.09 -3.00 -2.67
CA SER A 224 -2.19 -3.00 -2.68
C SER A 224 -2.59 -1.81 -3.49
C SER A 224 -2.66 -1.82 -3.49
N MET A 225 -2.81 -2.02 -4.79
CA MET A 225 -3.16 -0.95 -5.72
C MET A 225 -4.62 -1.08 -6.17
N PRO A 226 -5.34 0.03 -6.26
CA PRO A 226 -6.76 -0.02 -6.72
C PRO A 226 -6.83 -0.06 -8.23
N ILE A 227 -6.34 -1.10 -8.88
CA ILE A 227 -6.57 -1.30 -10.30
C ILE A 227 -8.07 -1.49 -10.53
N PRO A 228 -8.54 -1.37 -11.78
CA PRO A 228 -9.96 -1.29 -11.97
C PRO A 228 -10.74 -2.54 -11.60
N ASP A 229 -12.04 -2.28 -11.36
CA ASP A 229 -13.01 -3.35 -11.18
C ASP A 229 -12.94 -4.38 -12.30
N GLY A 230 -12.99 -5.65 -12.00
CA GLY A 230 -13.02 -6.70 -12.98
C GLY A 230 -11.71 -7.06 -13.58
N VAL A 231 -10.60 -6.39 -13.19
CA VAL A 231 -9.28 -6.70 -13.74
C VAL A 231 -8.55 -7.67 -12.84
N THR A 232 -8.18 -8.82 -13.37
CA THR A 232 -7.44 -9.79 -12.67
C THR A 232 -6.05 -9.36 -12.42
N GLU A 233 -5.63 -9.21 -11.16
CA GLU A 233 -4.30 -8.70 -10.84
C GLU A 233 -3.22 -9.56 -11.47
N ALA A 234 -3.37 -10.87 -11.54
CA ALA A 234 -2.26 -11.70 -12.06
C ALA A 234 -1.87 -11.29 -13.47
N GLY A 235 -2.83 -11.00 -14.31
CA GLY A 235 -2.52 -10.61 -15.70
C GLY A 235 -1.97 -9.23 -15.80
N TYR A 236 -2.32 -8.33 -14.86
CA TYR A 236 -1.76 -6.98 -14.81
C TYR A 236 -0.32 -7.07 -14.38
N VAL A 237 -0.01 -7.86 -13.35
CA VAL A 237 1.38 -8.07 -12.94
C VAL A 237 2.18 -8.71 -14.04
N GLY A 238 1.57 -9.68 -14.75
CA GLY A 238 2.24 -10.30 -15.93
C GLY A 238 2.63 -9.21 -16.91
N ALA A 239 1.72 -8.35 -17.25
CA ALA A 239 2.04 -7.32 -18.25
C ALA A 239 3.08 -6.38 -17.73
N MET A 240 2.91 -5.88 -16.50
N MET A 240 3.06 -6.04 -16.44
CA MET A 240 3.88 -4.99 -15.88
CA MET A 240 3.98 -5.03 -15.88
C MET A 240 5.27 -5.56 -15.92
C MET A 240 5.37 -5.59 -15.82
N THR A 241 5.49 -6.83 -15.55
CA THR A 241 6.82 -7.47 -15.46
C THR A 241 7.28 -8.02 -16.79
N GLY A 242 6.43 -8.12 -17.75
CA GLY A 242 6.77 -8.74 -19.03
C GLY A 242 6.78 -10.17 -19.00
N SER A 243 6.31 -10.87 -18.03
CA SER A 243 6.41 -12.31 -17.85
C SER A 243 5.19 -12.87 -17.28
N SER A 244 4.72 -14.02 -17.71
CA SER A 244 3.61 -14.71 -17.09
C SER A 244 3.96 -15.27 -15.72
N LEU A 245 3.14 -14.97 -14.71
CA LEU A 245 3.39 -15.53 -13.38
C LEU A 245 3.09 -16.99 -13.34
N GLU A 246 3.93 -17.77 -12.66
CA GLU A 246 3.68 -19.20 -12.47
C GLU A 246 2.82 -19.47 -11.22
N LEU A 247 1.73 -20.12 -11.38
CA LEU A 247 0.81 -20.41 -10.29
C LEU A 247 0.60 -21.89 -10.14
N VAL A 248 0.50 -22.42 -8.92
N VAL A 248 0.08 -22.34 -9.04
CA VAL A 248 0.02 -23.82 -8.67
CA VAL A 248 -0.19 -23.74 -8.87
C VAL A 248 -1.38 -23.87 -8.10
C VAL A 248 -1.49 -23.80 -8.21
N LYS A 249 -2.17 -24.90 -8.43
CA LYS A 249 -3.49 -25.05 -7.82
C LYS A 249 -3.42 -25.35 -6.36
N CYS A 250 -4.37 -24.78 -5.62
CA CYS A 250 -4.60 -25.15 -4.26
C CYS A 250 -4.94 -26.68 -4.21
N ASP A 251 -4.74 -27.27 -3.07
CA ASP A 251 -5.09 -28.71 -2.92
C ASP A 251 -6.55 -28.88 -2.70
N THR A 252 -7.22 -28.03 -1.92
CA THR A 252 -8.55 -28.23 -1.46
C THR A 252 -9.58 -27.39 -2.20
N ASN A 253 -9.15 -26.53 -3.16
CA ASN A 253 -10.05 -25.82 -4.01
C ASN A 253 -9.40 -25.55 -5.34
N ASP A 254 -10.06 -24.89 -6.27
CA ASP A 254 -9.58 -24.70 -7.58
C ASP A 254 -8.99 -23.30 -7.84
N LEU A 255 -8.63 -22.59 -6.76
CA LEU A 255 -7.86 -21.34 -6.90
C LEU A 255 -6.42 -21.65 -7.10
N TYR A 256 -5.70 -20.66 -7.67
CA TYR A 256 -4.29 -20.80 -7.97
C TYR A 256 -3.43 -19.81 -7.21
N VAL A 257 -2.33 -20.22 -6.66
CA VAL A 257 -1.50 -19.41 -5.82
C VAL A 257 -0.16 -19.32 -6.44
N PRO A 258 0.62 -18.25 -6.19
CA PRO A 258 1.99 -18.19 -6.71
C PRO A 258 2.78 -19.40 -6.29
N ALA A 259 3.55 -19.96 -7.27
CA ALA A 259 4.31 -21.21 -6.98
C ALA A 259 5.28 -21.10 -5.85
N THR A 260 5.88 -19.93 -5.68
CA THR A 260 6.90 -19.71 -4.67
C THR A 260 6.38 -19.05 -3.39
N SER A 261 5.05 -19.02 -3.21
CA SER A 261 4.49 -18.47 -1.99
C SER A 261 5.17 -19.12 -0.77
N GLU A 262 5.46 -18.34 0.26
CA GLU A 262 6.06 -18.89 1.49
C GLU A 262 5.08 -19.74 2.27
N ILE A 263 3.87 -19.27 2.41
CA ILE A 263 2.84 -19.93 3.22
C ILE A 263 1.51 -19.73 2.57
N VAL A 264 0.66 -20.73 2.44
CA VAL A 264 -0.64 -20.63 1.85
C VAL A 264 -1.69 -21.16 2.78
N LEU A 265 -2.71 -20.40 3.04
CA LEU A 265 -3.93 -20.92 3.73
C LEU A 265 -4.96 -21.14 2.68
N GLU A 266 -5.66 -22.27 2.72
CA GLU A 266 -6.79 -22.55 1.83
C GLU A 266 -8.06 -22.68 2.62
N GLY A 267 -9.14 -22.15 2.17
CA GLY A 267 -10.41 -22.39 2.87
C GLY A 267 -11.54 -21.59 2.26
N THR A 268 -12.36 -21.03 3.13
CA THR A 268 -13.54 -20.31 2.71
C THR A 268 -13.75 -19.02 3.46
N LEU A 269 -14.32 -18.05 2.77
CA LEU A 269 -14.76 -16.83 3.38
C LEU A 269 -16.28 -16.92 3.53
N SER A 270 -16.78 -16.84 4.76
CA SER A 270 -18.26 -17.11 4.94
C SER A 270 -19.06 -16.03 4.34
N ILE A 271 -20.24 -16.45 3.75
CA ILE A 271 -21.29 -15.56 3.32
C ILE A 271 -22.32 -15.25 4.37
N SER A 272 -22.16 -15.88 5.52
CA SER A 272 -23.17 -15.69 6.61
C SER A 272 -22.57 -15.37 8.00
N GLU A 273 -21.40 -15.87 8.31
CA GLU A 273 -20.87 -15.77 9.68
C GLU A 273 -19.94 -14.61 9.86
N THR A 274 -19.91 -14.08 11.07
CA THR A 274 -19.02 -12.96 11.46
C THR A 274 -18.40 -13.34 12.75
N GLY A 275 -17.35 -12.61 13.17
CA GLY A 275 -16.81 -12.75 14.51
C GLY A 275 -16.06 -11.48 14.91
N PRO A 276 -15.69 -11.39 16.19
CA PRO A 276 -15.01 -10.22 16.65
C PRO A 276 -13.74 -9.92 15.87
N GLU A 277 -13.56 -8.69 15.57
CA GLU A 277 -12.39 -8.24 14.77
C GLU A 277 -11.91 -6.94 15.29
N GLY A 278 -10.62 -6.76 15.44
CA GLY A 278 -10.06 -5.57 15.95
C GLY A 278 -10.22 -5.38 17.44
N PRO A 279 -9.80 -4.28 17.99
CA PRO A 279 -9.17 -3.19 17.26
C PRO A 279 -7.73 -3.51 16.81
N PHE A 280 -7.20 -2.63 15.97
CA PHE A 280 -5.87 -2.83 15.42
C PHE A 280 -5.19 -1.49 15.34
N GLY A 281 -3.92 -1.39 15.60
CA GLY A 281 -3.16 -0.16 15.36
C GLY A 281 -2.97 0.06 13.90
N GLU A 282 -3.55 1.12 13.42
CA GLU A 282 -3.89 1.28 12.00
C GLU A 282 -3.00 2.36 11.38
N MET A 283 -3.16 2.48 10.04
CA MET A 283 -2.31 3.28 9.17
C MET A 283 -2.28 4.77 9.52
N HIS A 284 -3.34 5.31 10.17
CA HIS A 284 -3.34 6.70 10.55
C HIS A 284 -2.64 7.00 11.83
N GLY A 285 -2.19 5.95 12.53
CA GLY A 285 -1.41 6.13 13.71
C GLY A 285 -2.07 5.87 15.06
N TYR A 286 -3.22 5.23 15.06
CA TYR A 286 -4.02 5.11 16.29
C TYR A 286 -4.51 3.72 16.49
N ILE A 287 -4.77 3.39 17.75
CA ILE A 287 -5.64 2.27 18.11
C ILE A 287 -6.65 2.76 19.19
N PHE A 288 -7.88 2.34 19.06
CA PHE A 288 -8.96 2.72 20.02
C PHE A 288 -9.21 1.43 20.83
N PRO A 289 -8.55 1.27 22.00
N PRO A 289 -8.60 1.29 22.01
CA PRO A 289 -8.65 -0.06 22.72
CA PRO A 289 -8.65 -0.03 22.74
C PRO A 289 -10.07 -0.39 23.07
C PRO A 289 -10.02 -0.56 22.97
N GLY A 290 -10.45 -1.67 22.92
N GLY A 290 -11.07 0.29 23.02
CA GLY A 290 -11.74 -2.10 23.17
CA GLY A 290 -12.42 -0.14 23.41
C GLY A 290 -12.73 -1.90 22.04
C GLY A 290 -13.17 -0.66 22.21
N ASP A 291 -12.52 -1.01 21.02
CA ASP A 291 -13.36 -0.92 19.82
C ASP A 291 -13.23 -2.18 18.97
N THR A 292 -13.76 -3.27 19.52
CA THR A 292 -14.09 -4.47 18.64
C THR A 292 -15.46 -4.32 17.84
N HIS A 293 -15.48 -4.80 16.66
CA HIS A 293 -16.60 -4.63 15.79
C HIS A 293 -16.68 -6.04 15.33
N LEU A 294 -17.61 -6.40 14.55
CA LEU A 294 -17.71 -7.74 13.92
C LEU A 294 -17.09 -7.62 12.55
N GLY A 295 -16.31 -8.62 12.20
CA GLY A 295 -15.74 -8.68 10.84
C GLY A 295 -16.14 -9.94 10.18
N ALA A 296 -15.70 -10.07 8.94
CA ALA A 296 -15.83 -11.26 8.18
C ALA A 296 -15.10 -12.46 8.79
N LYS A 297 -15.52 -13.65 8.53
CA LYS A 297 -14.97 -14.84 9.11
C LYS A 297 -14.50 -15.81 8.03
N TYR A 298 -13.26 -16.22 8.13
CA TYR A 298 -12.60 -17.13 7.24
C TYR A 298 -12.35 -18.49 7.91
N LYS A 299 -12.63 -19.58 7.23
CA LYS A 299 -12.28 -20.92 7.71
C LYS A 299 -11.09 -21.42 6.99
N VAL A 300 -10.11 -21.94 7.70
CA VAL A 300 -8.92 -22.49 7.15
C VAL A 300 -8.96 -24.02 7.09
N ASN A 301 -8.85 -24.61 5.97
CA ASN A 301 -8.92 -26.08 5.80
C ASN A 301 -7.58 -26.70 5.62
N ARG A 302 -6.59 -25.98 5.12
CA ARG A 302 -5.30 -26.52 4.83
C ARG A 302 -4.20 -25.47 4.89
N ILE A 303 -3.01 -25.81 5.27
CA ILE A 303 -1.86 -24.92 5.18
C ILE A 303 -0.82 -25.58 4.36
N THR A 304 -0.23 -24.94 3.36
CA THR A 304 0.97 -25.44 2.70
C THR A 304 2.09 -24.44 2.84
N TYR A 305 3.34 -24.83 2.80
CA TYR A 305 4.38 -23.85 3.06
C TYR A 305 5.73 -24.31 2.59
N ARG A 306 6.58 -23.42 2.29
CA ARG A 306 7.97 -23.64 1.98
C ARG A 306 8.73 -24.12 3.20
N ASN A 307 9.76 -24.97 2.90
CA ASN A 307 10.76 -25.22 3.97
C ASN A 307 11.30 -23.84 4.45
N ASN A 308 11.45 -23.77 5.77
CA ASN A 308 11.98 -22.56 6.40
C ASN A 308 11.18 -21.27 5.97
N ALA A 309 9.88 -21.45 5.97
CA ALA A 309 8.95 -20.37 5.54
C ALA A 309 9.18 -19.10 6.34
N ILE A 310 9.02 -18.01 5.55
CA ILE A 310 9.11 -16.64 6.10
C ILE A 310 7.76 -15.94 5.94
N MET A 311 7.24 -15.41 7.02
CA MET A 311 5.99 -14.57 7.01
C MET A 311 6.37 -13.12 6.98
N PRO A 312 6.02 -12.33 5.94
CA PRO A 312 6.21 -10.89 6.03
C PRO A 312 5.20 -10.27 6.95
N MET A 313 5.59 -9.17 7.62
CA MET A 313 4.76 -8.48 8.59
C MET A 313 4.96 -7.00 8.45
N SER A 314 3.81 -6.28 8.45
CA SER A 314 3.80 -4.79 8.58
C SER A 314 3.43 -4.42 9.99
N SER A 315 4.34 -3.77 10.69
CA SER A 315 4.09 -3.20 12.00
C SER A 315 3.64 -1.80 11.79
N CYS A 316 2.37 -1.64 11.49
CA CYS A 316 1.89 -0.33 10.94
C CYS A 316 1.43 0.62 12.02
N GLY A 317 1.44 1.88 11.66
CA GLY A 317 1.07 2.93 12.58
C GLY A 317 1.53 4.29 12.16
N ARG A 318 2.19 5.01 13.04
CA ARG A 318 2.80 6.25 12.70
C ARG A 318 3.95 6.12 11.68
N LEU A 319 4.30 7.21 10.99
CA LEU A 319 5.20 7.16 9.83
C LEU A 319 6.48 6.39 10.18
N THR A 320 7.08 5.67 9.23
CA THR A 320 6.61 5.36 7.88
C THR A 320 6.64 3.88 7.64
N ASP A 321 5.58 3.31 7.13
CA ASP A 321 5.50 1.90 6.86
C ASP A 321 4.76 1.64 5.56
N GLU A 322 4.46 0.39 5.30
CA GLU A 322 3.81 -0.04 4.07
C GLU A 322 2.48 0.60 3.85
N THR A 323 1.77 0.89 4.94
CA THR A 323 0.45 1.53 4.82
C THR A 323 0.60 2.91 4.31
N HIS A 324 1.73 3.55 4.33
CA HIS A 324 1.97 4.87 3.79
C HIS A 324 2.59 4.76 2.43
N THR A 325 3.68 4.01 2.35
CA THR A 325 4.45 3.94 1.10
C THR A 325 3.67 3.27 -0.01
N MET A 326 2.90 2.28 0.31
CA MET A 326 2.14 1.51 -0.68
C MET A 326 0.74 1.95 -0.78
N ILE A 327 -0.06 2.05 0.31
CA ILE A 327 -1.45 2.42 0.13
C ILE A 327 -1.55 3.78 -0.48
N GLY A 328 -0.86 4.77 0.13
CA GLY A 328 -0.97 6.13 -0.31
C GLY A 328 -0.48 6.31 -1.73
N SER A 329 0.74 5.83 -1.97
CA SER A 329 1.38 6.11 -3.25
C SER A 329 0.64 5.45 -4.42
N LEU A 330 0.20 4.22 -4.19
CA LEU A 330 -0.47 3.45 -5.25
C LEU A 330 -1.85 4.00 -5.51
N ALA A 331 -2.56 4.47 -4.49
CA ALA A 331 -3.84 5.19 -4.72
C ALA A 331 -3.60 6.43 -5.50
N ALA A 332 -2.54 7.20 -5.15
CA ALA A 332 -2.20 8.39 -5.90
C ALA A 332 -1.93 8.10 -7.32
N ALA A 333 -1.20 7.04 -7.62
CA ALA A 333 -0.94 6.65 -9.00
C ALA A 333 -2.21 6.45 -9.80
N GLU A 334 -3.09 5.64 -9.23
CA GLU A 334 -4.40 5.37 -9.88
C GLU A 334 -5.21 6.60 -10.04
N ILE A 335 -5.19 7.51 -9.09
CA ILE A 335 -5.91 8.77 -9.20
C ILE A 335 -5.30 9.62 -10.35
N ARG A 336 -4.02 9.65 -10.49
CA ARG A 336 -3.38 10.40 -11.62
C ARG A 336 -3.98 9.93 -12.91
N LYS A 337 -3.96 8.62 -13.12
CA LYS A 337 -4.51 8.01 -14.34
C LYS A 337 -5.95 8.32 -14.51
N LEU A 338 -6.75 8.15 -13.51
CA LEU A 338 -8.17 8.43 -13.55
C LEU A 338 -8.43 9.86 -13.97
N CYS A 339 -7.67 10.83 -13.42
CA CYS A 339 -7.88 12.19 -13.80
C CYS A 339 -7.54 12.36 -15.28
N GLN A 340 -6.46 11.85 -15.74
CA GLN A 340 -6.10 11.98 -17.18
C GLN A 340 -7.09 11.34 -18.10
N GLN A 341 -7.68 10.23 -17.71
CA GLN A 341 -8.68 9.58 -18.52
C GLN A 341 -9.95 10.35 -18.53
N ASN A 342 -10.25 11.24 -17.60
CA ASN A 342 -11.35 12.11 -17.56
C ASN A 342 -11.00 13.50 -18.15
N ASP A 343 -9.93 13.60 -18.89
CA ASP A 343 -9.53 14.77 -19.60
C ASP A 343 -9.14 15.91 -18.71
N LEU A 344 -8.72 15.62 -17.42
CA LEU A 344 -8.25 16.67 -16.52
C LEU A 344 -6.71 16.77 -16.70
N PRO A 345 -6.17 17.96 -16.66
CA PRO A 345 -4.77 18.19 -16.99
C PRO A 345 -3.81 17.96 -15.81
N ILE A 346 -3.84 16.77 -15.34
CA ILE A 346 -3.02 16.35 -14.18
C ILE A 346 -1.81 15.64 -14.65
N THR A 347 -0.62 16.01 -14.25
CA THR A 347 0.61 15.38 -14.67
C THR A 347 1.16 14.39 -13.65
N ASP A 348 0.88 14.61 -12.35
CA ASP A 348 1.53 13.82 -11.25
C ASP A 348 0.61 13.88 -10.09
N ALA A 349 0.69 12.85 -9.27
CA ALA A 349 -0.09 12.79 -8.04
C ALA A 349 0.73 12.04 -6.99
N PHE A 350 0.63 12.47 -5.74
CA PHE A 350 1.31 11.78 -4.64
C PHE A 350 0.55 12.05 -3.36
N ALA A 351 0.54 11.11 -2.45
CA ALA A 351 -0.13 11.29 -1.12
C ALA A 351 0.97 11.71 -0.12
N PRO A 352 1.07 12.96 0.28
CA PRO A 352 2.16 13.35 1.20
C PRO A 352 2.18 12.54 2.46
N PHE A 353 3.36 12.07 2.83
CA PHE A 353 3.46 11.39 4.13
C PHE A 353 3.05 12.28 5.25
N GLU A 354 3.36 13.55 5.20
CA GLU A 354 3.01 14.49 6.25
C GLU A 354 1.52 14.55 6.53
N SER A 355 0.69 14.23 5.53
CA SER A 355 -0.76 14.21 5.67
C SER A 355 -1.26 12.89 6.22
N GLN A 356 -0.32 12.01 6.61
CA GLN A 356 -0.69 10.66 7.02
C GLN A 356 -1.45 9.93 5.87
N VAL A 357 -1.00 10.22 4.64
CA VAL A 357 -1.54 9.76 3.38
C VAL A 357 -3.01 9.97 3.27
N THR A 358 -3.57 11.02 3.87
CA THR A 358 -4.99 11.35 3.72
C THR A 358 -5.18 12.40 2.65
N TRP A 359 -4.13 13.08 2.22
CA TRP A 359 -4.23 14.07 1.11
C TRP A 359 -3.60 13.42 -0.11
N VAL A 360 -4.04 13.88 -1.29
CA VAL A 360 -3.26 13.68 -2.53
C VAL A 360 -3.07 15.06 -3.15
N ALA A 361 -1.82 15.35 -3.49
CA ALA A 361 -1.50 16.55 -4.25
C ALA A 361 -1.47 16.19 -5.73
N LEU A 362 -2.17 17.01 -6.49
CA LEU A 362 -2.33 16.82 -7.96
C LEU A 362 -1.63 17.96 -8.65
N ARG A 363 -0.57 17.68 -9.38
CA ARG A 363 0.14 18.68 -10.18
C ARG A 363 -0.56 18.90 -11.51
N VAL A 364 -0.88 20.16 -11.76
CA VAL A 364 -1.62 20.58 -12.93
C VAL A 364 -0.73 21.15 -13.98
N ASP A 365 -0.96 20.67 -15.23
CA ASP A 365 -0.37 21.31 -16.43
C ASP A 365 -1.16 22.58 -16.77
N THR A 366 -0.58 23.71 -16.29
CA THR A 366 -1.34 24.92 -16.28
C THR A 366 -1.47 25.52 -17.72
N GLU A 367 -0.61 25.15 -18.61
CA GLU A 367 -0.82 25.57 -20.07
C GLU A 367 -2.16 24.95 -20.52
N LYS A 368 -2.37 23.66 -20.23
CA LYS A 368 -3.60 23.03 -20.54
C LYS A 368 -4.76 23.61 -19.79
N LEU A 369 -4.55 23.92 -18.48
CA LEU A 369 -5.62 24.56 -17.75
C LEU A 369 -6.03 25.88 -18.38
N ARG A 370 -5.06 26.70 -18.70
CA ARG A 370 -5.39 27.99 -19.33
C ARG A 370 -6.27 27.85 -20.57
N ALA A 371 -6.02 26.84 -21.32
CA ALA A 371 -6.82 26.62 -22.57
C ALA A 371 -8.21 26.19 -22.27
N MET A 372 -8.52 25.66 -21.07
CA MET A 372 -9.83 25.31 -20.64
C MET A 372 -10.70 26.51 -20.35
N LYS A 373 -10.12 27.65 -20.04
CA LYS A 373 -10.83 28.84 -19.79
C LYS A 373 -11.90 28.69 -18.76
N THR A 374 -11.47 28.17 -17.58
CA THR A 374 -12.36 27.83 -16.49
C THR A 374 -12.00 28.63 -15.24
N THR A 375 -12.63 28.29 -14.13
CA THR A 375 -12.42 28.98 -12.86
C THR A 375 -12.15 27.97 -11.78
N SER A 376 -11.64 28.49 -10.63
CA SER A 376 -11.40 27.55 -9.50
C SER A 376 -12.57 26.80 -9.08
N GLU A 377 -13.71 27.43 -8.89
N GLU A 377 -13.74 27.41 -8.88
CA GLU A 377 -14.86 26.73 -8.36
CA GLU A 377 -14.84 26.66 -8.29
C GLU A 377 -15.25 25.58 -9.35
C GLU A 377 -15.37 25.60 -9.27
N GLY A 378 -15.34 25.91 -10.60
CA GLY A 378 -15.75 24.92 -11.57
C GLY A 378 -14.73 23.76 -11.66
N PHE A 379 -13.46 24.11 -11.68
CA PHE A 379 -12.43 23.08 -11.82
C PHE A 379 -12.33 22.19 -10.57
N ARG A 380 -12.41 22.81 -9.40
CA ARG A 380 -12.44 21.99 -8.14
C ARG A 380 -13.52 21.05 -8.10
N LYS A 381 -14.73 21.46 -8.51
CA LYS A 381 -15.86 20.58 -8.53
C LYS A 381 -15.67 19.44 -9.48
N ARG A 382 -15.14 19.72 -10.65
CA ARG A 382 -14.93 18.67 -11.63
C ARG A 382 -13.97 17.61 -11.10
N VAL A 383 -12.84 18.07 -10.51
CA VAL A 383 -11.81 17.16 -10.03
C VAL A 383 -12.39 16.36 -8.88
N GLY A 384 -13.05 16.98 -7.93
CA GLY A 384 -13.55 16.25 -6.81
C GLY A 384 -14.64 15.25 -7.22
N ASP A 385 -15.49 15.60 -8.17
CA ASP A 385 -16.52 14.66 -8.65
C ASP A 385 -15.88 13.45 -9.28
N VAL A 386 -14.84 13.61 -10.06
CA VAL A 386 -14.16 12.45 -10.69
C VAL A 386 -13.56 11.58 -9.58
N VAL A 387 -12.80 12.16 -8.65
CA VAL A 387 -11.96 11.36 -7.75
C VAL A 387 -12.76 10.81 -6.59
N PHE A 388 -13.61 11.65 -5.96
CA PHE A 388 -14.28 11.23 -4.77
C PHE A 388 -15.47 10.30 -5.03
N ASN A 389 -15.91 10.22 -6.28
CA ASN A 389 -16.94 9.25 -6.67
C ASN A 389 -16.36 7.98 -7.10
N HIS A 390 -15.04 7.79 -7.12
CA HIS A 390 -14.41 6.57 -7.60
C HIS A 390 -13.76 5.82 -6.43
N LYS A 391 -13.67 4.55 -6.56
CA LYS A 391 -12.97 3.71 -5.60
C LYS A 391 -11.52 4.13 -5.39
N ALA A 392 -10.82 4.58 -6.40
CA ALA A 392 -9.44 4.96 -6.20
C ALA A 392 -9.32 6.14 -5.24
N GLY A 393 -10.35 6.97 -5.11
CA GLY A 393 -10.35 8.07 -4.16
C GLY A 393 -10.79 7.71 -2.75
N TYR A 394 -11.13 6.47 -2.46
CA TYR A 394 -11.72 6.06 -1.19
C TYR A 394 -10.94 6.59 0.01
N THR A 395 -9.64 6.29 0.07
CA THR A 395 -8.86 6.60 1.24
C THR A 395 -8.49 8.06 1.40
N ILE A 396 -8.71 8.88 0.37
CA ILE A 396 -8.23 10.22 0.30
C ILE A 396 -9.32 11.20 0.66
N HIS A 397 -9.06 12.05 1.63
CA HIS A 397 -10.05 13.04 2.08
C HIS A 397 -9.76 14.45 1.65
N ARG A 398 -8.58 14.79 1.24
CA ARG A 398 -8.25 16.14 0.76
C ARG A 398 -7.46 16.06 -0.52
N LEU A 399 -7.88 16.70 -1.59
CA LEU A 399 -7.11 16.85 -2.77
C LEU A 399 -6.56 18.23 -2.81
N VAL A 400 -5.29 18.42 -3.08
CA VAL A 400 -4.65 19.72 -3.17
C VAL A 400 -4.21 19.95 -4.59
N LEU A 401 -4.77 20.93 -5.30
CA LEU A 401 -4.37 21.22 -6.66
C LEU A 401 -3.24 22.22 -6.65
N VAL A 402 -2.14 21.89 -7.34
CA VAL A 402 -0.97 22.80 -7.38
C VAL A 402 -0.48 22.93 -8.80
N GLY A 403 0.13 24.06 -9.10
CA GLY A 403 0.69 24.31 -10.41
C GLY A 403 2.03 23.67 -10.65
N ASP A 404 2.56 23.93 -11.88
CA ASP A 404 3.73 23.22 -12.38
C ASP A 404 4.97 23.45 -11.66
N ASP A 405 5.09 24.50 -10.85
CA ASP A 405 6.31 24.73 -10.11
C ASP A 405 6.45 23.78 -8.92
N ILE A 406 5.45 23.10 -8.50
CA ILE A 406 5.48 22.25 -7.32
C ILE A 406 5.79 20.82 -7.64
N ASP A 407 6.77 20.25 -6.94
CA ASP A 407 7.07 18.81 -7.04
C ASP A 407 6.20 18.13 -5.98
N VAL A 408 5.18 17.42 -6.45
CA VAL A 408 4.24 16.82 -5.49
C VAL A 408 4.87 15.69 -4.72
N TYR A 409 5.99 15.18 -5.14
CA TYR A 409 6.67 14.15 -4.35
C TYR A 409 7.48 14.69 -3.23
N GLU A 410 7.52 16.01 -3.06
CA GLU A 410 8.24 16.68 -1.98
C GLU A 410 7.24 17.29 -1.01
N GLY A 411 7.01 16.69 0.10
CA GLY A 411 6.02 17.18 1.03
C GLY A 411 6.21 18.58 1.49
N LYS A 412 7.44 19.07 1.63
N LYS A 412 7.40 19.02 1.67
CA LYS A 412 7.69 20.51 2.02
CA LYS A 412 7.55 20.37 2.13
C LYS A 412 7.12 21.43 1.02
C LYS A 412 7.06 21.35 1.09
N ASP A 413 7.22 21.09 -0.23
CA ASP A 413 6.74 21.99 -1.27
C ASP A 413 5.23 21.97 -1.37
N VAL A 414 4.60 20.80 -1.17
CA VAL A 414 3.16 20.70 -1.12
C VAL A 414 2.63 21.51 0.05
N LEU A 415 3.29 21.42 1.21
N LEU A 415 3.23 21.37 1.25
CA LEU A 415 2.83 22.16 2.37
CA LEU A 415 2.71 22.14 2.37
C LEU A 415 2.96 23.63 2.18
C LEU A 415 2.94 23.64 2.19
N TRP A 416 4.04 24.06 1.57
CA TRP A 416 4.24 25.47 1.25
C TRP A 416 3.12 25.97 0.34
N ALA A 417 2.87 25.26 -0.75
CA ALA A 417 1.81 25.68 -1.66
C ALA A 417 0.44 25.69 -1.02
N PHE A 418 0.09 24.66 -0.29
CA PHE A 418 -1.20 24.61 0.35
C PHE A 418 -1.41 25.78 1.30
N SER A 419 -0.34 26.11 2.08
N SER A 419 -0.39 26.03 2.18
CA SER A 419 -0.42 27.08 3.14
CA SER A 419 -0.51 27.06 3.18
C SER A 419 -0.44 28.49 2.66
C SER A 419 -0.46 28.47 2.67
N THR A 420 0.03 28.71 1.45
CA THR A 420 0.22 30.05 0.93
C THR A 420 -0.66 30.38 -0.27
N ARG A 421 -1.24 29.37 -0.95
CA ARG A 421 -1.95 29.58 -2.19
C ARG A 421 -3.42 29.22 -2.09
N CYS A 422 -3.88 28.50 -1.07
CA CYS A 422 -5.29 28.10 -0.95
C CYS A 422 -5.92 28.88 0.21
N ARG A 423 -6.82 29.81 -0.11
CA ARG A 423 -7.53 30.55 0.92
C ARG A 423 -8.55 29.70 1.59
N PRO A 424 -8.48 29.47 2.89
CA PRO A 424 -9.45 28.60 3.54
C PRO A 424 -10.86 28.99 3.24
N GLY A 425 -11.71 28.01 2.94
CA GLY A 425 -13.13 28.28 2.66
C GLY A 425 -13.30 28.68 1.23
N MET A 426 -12.94 29.87 0.87
CA MET A 426 -13.17 30.39 -0.48
C MET A 426 -12.57 29.58 -1.62
N ASP A 427 -11.36 29.03 -1.40
CA ASP A 427 -10.69 28.27 -2.40
C ASP A 427 -10.88 26.80 -2.27
N GLU A 428 -11.89 26.36 -1.56
CA GLU A 428 -12.12 24.97 -1.24
C GLU A 428 -13.55 24.60 -1.57
N THR A 429 -13.78 23.35 -1.94
CA THR A 429 -15.16 22.79 -2.07
C THR A 429 -15.23 21.56 -1.22
N LEU A 430 -16.18 21.53 -0.33
CA LEU A 430 -16.47 20.41 0.53
C LEU A 430 -17.40 19.43 -0.15
N PHE A 431 -17.20 18.14 0.05
CA PHE A 431 -17.97 17.07 -0.49
C PHE A 431 -18.50 16.22 0.65
N GLU A 432 -19.80 16.35 0.95
CA GLU A 432 -20.42 15.63 2.02
C GLU A 432 -21.18 14.36 1.50
N ASP A 433 -21.46 14.26 0.25
CA ASP A 433 -22.28 13.19 -0.29
C ASP A 433 -21.45 12.29 -1.17
N VAL A 434 -20.36 11.84 -0.57
CA VAL A 434 -19.38 10.87 -1.13
C VAL A 434 -19.06 9.86 -0.07
N ARG A 435 -18.57 8.70 -0.47
CA ARG A 435 -18.15 7.73 0.50
C ARG A 435 -16.93 8.23 1.30
N GLY A 436 -16.96 8.11 2.59
CA GLY A 436 -15.84 8.49 3.47
C GLY A 436 -15.08 7.28 3.94
N PHE A 437 -13.84 7.46 4.41
CA PHE A 437 -12.99 6.39 4.88
C PHE A 437 -13.04 6.30 6.38
N PRO A 438 -13.69 5.27 6.92
CA PRO A 438 -13.91 5.27 8.38
C PRO A 438 -12.71 5.13 9.21
N GLY A 439 -11.63 4.60 8.67
CA GLY A 439 -10.41 4.41 9.39
C GLY A 439 -9.76 5.69 9.91
N ILE A 440 -9.98 6.79 9.21
CA ILE A 440 -9.44 8.07 9.71
C ILE A 440 -10.11 8.40 11.02
N PRO A 441 -9.43 8.73 12.08
CA PRO A 441 -10.09 8.95 13.35
C PRO A 441 -11.20 9.96 13.31
N TYR A 442 -11.03 11.08 12.55
CA TYR A 442 -12.09 12.09 12.52
C TYR A 442 -13.33 11.60 11.79
N MET A 443 -13.28 10.44 11.14
CA MET A 443 -14.43 9.79 10.47
C MET A 443 -15.01 8.79 11.43
N GLY A 444 -14.37 7.66 11.66
CA GLY A 444 -15.01 6.58 12.42
C GLY A 444 -15.13 6.89 13.87
N HIS A 445 -14.33 7.75 14.48
CA HIS A 445 -14.40 8.15 15.88
C HIS A 445 -14.70 9.64 15.99
N GLY A 446 -15.26 10.26 14.96
CA GLY A 446 -15.46 11.69 14.98
C GLY A 446 -16.86 12.16 15.24
N ASN A 447 -17.10 13.39 14.81
CA ASN A 447 -18.37 14.07 15.08
C ASN A 447 -19.43 13.83 14.11
N GLY A 448 -19.18 13.21 12.98
CA GLY A 448 -20.13 13.01 11.95
C GLY A 448 -20.23 11.55 11.49
N PRO A 449 -20.98 11.34 10.37
CA PRO A 449 -21.18 9.98 9.89
C PRO A 449 -19.83 9.30 9.59
N ALA A 450 -19.61 8.07 9.99
CA ALA A 450 -18.33 7.43 9.78
C ALA A 450 -18.07 7.14 8.32
N HIS A 451 -19.14 6.91 7.52
CA HIS A 451 -19.02 6.41 6.18
C HIS A 451 -19.28 7.37 5.06
N ARG A 452 -19.54 8.65 5.38
CA ARG A 452 -20.00 9.61 4.37
C ARG A 452 -19.39 10.96 4.65
N GLY A 453 -18.95 11.57 3.59
CA GLY A 453 -18.54 12.98 3.59
C GLY A 453 -17.15 13.19 4.21
N GLY A 454 -16.92 14.43 4.63
CA GLY A 454 -15.68 14.79 5.24
C GLY A 454 -14.56 15.01 4.21
N LYS A 455 -14.87 15.24 2.95
CA LYS A 455 -13.86 15.39 1.86
C LYS A 455 -13.81 16.78 1.36
N VAL A 456 -12.71 17.18 0.77
CA VAL A 456 -12.50 18.55 0.34
C VAL A 456 -11.55 18.60 -0.83
N VAL A 457 -11.77 19.48 -1.79
CA VAL A 457 -10.78 19.88 -2.77
C VAL A 457 -10.29 21.25 -2.41
N SER A 458 -9.00 21.37 -2.19
CA SER A 458 -8.34 22.61 -1.84
C SER A 458 -7.53 23.12 -3.02
N ASP A 459 -7.93 24.24 -3.59
CA ASP A 459 -7.26 24.72 -4.78
C ASP A 459 -6.08 25.64 -4.43
N ALA A 460 -4.88 25.16 -4.54
CA ALA A 460 -3.67 25.90 -4.40
C ALA A 460 -3.08 26.39 -5.70
N LEU A 461 -3.91 26.48 -6.75
CA LEU A 461 -3.60 27.26 -7.93
C LEU A 461 -3.85 28.73 -7.68
N MET A 462 -2.99 29.60 -8.13
CA MET A 462 -3.17 31.02 -7.99
C MET A 462 -4.06 31.53 -9.12
N PRO A 463 -4.70 32.70 -8.95
CA PRO A 463 -5.69 33.12 -10.01
C PRO A 463 -5.10 33.21 -11.36
N THR A 464 -3.94 33.75 -11.59
CA THR A 464 -3.47 33.88 -12.95
C THR A 464 -3.10 32.58 -13.54
N GLU A 465 -2.95 31.49 -12.79
CA GLU A 465 -2.69 30.24 -13.39
C GLU A 465 -3.84 29.76 -14.31
N TYR A 466 -5.03 30.26 -14.08
CA TYR A 466 -6.21 29.95 -14.90
C TYR A 466 -6.27 30.85 -16.11
N THR A 467 -5.54 31.94 -16.18
CA THR A 467 -5.75 33.02 -17.21
C THR A 467 -4.48 33.20 -18.03
N THR A 468 -3.56 33.97 -17.52
CA THR A 468 -2.43 34.47 -18.26
C THR A 468 -1.08 33.85 -17.89
N GLY A 469 -0.99 33.12 -16.76
CA GLY A 469 0.24 32.50 -16.39
C GLY A 469 0.73 32.94 -14.97
N ARG A 470 1.58 32.13 -14.40
CA ARG A 470 2.21 32.50 -13.11
C ARG A 470 2.73 33.90 -13.17
N ASN A 471 2.50 34.64 -12.09
CA ASN A 471 2.86 36.07 -12.00
C ASN A 471 3.83 36.40 -10.82
N TRP A 472 4.42 35.36 -10.28
CA TRP A 472 5.41 35.49 -9.19
C TRP A 472 6.65 34.80 -9.54
N GLU A 473 7.69 35.10 -8.73
CA GLU A 473 8.92 34.31 -8.58
C GLU A 473 9.06 33.89 -7.11
N ALA A 474 9.57 32.74 -6.84
CA ALA A 474 9.80 32.38 -5.44
C ALA A 474 10.93 33.31 -4.89
N ALA A 475 10.76 33.62 -3.61
CA ALA A 475 11.81 34.30 -2.77
C ALA A 475 12.70 33.24 -2.20
N ASP A 476 13.45 32.55 -3.08
CA ASP A 476 14.34 31.47 -2.70
C ASP A 476 15.65 31.63 -3.45
N PHE A 477 16.63 30.85 -3.05
CA PHE A 477 17.90 30.95 -3.71
C PHE A 477 17.78 30.62 -5.21
N ASN A 478 16.98 29.61 -5.54
CA ASN A 478 16.86 29.19 -6.94
C ASN A 478 16.28 30.25 -7.82
N GLN A 479 15.29 30.98 -7.39
CA GLN A 479 14.53 31.82 -8.26
C GLN A 479 14.76 33.30 -8.11
N SER A 480 15.40 33.75 -7.04
N SER A 480 15.34 33.77 -7.00
CA SER A 480 15.49 35.16 -6.79
CA SER A 480 15.55 35.21 -6.79
C SER A 480 16.87 35.71 -7.10
C SER A 480 16.90 35.75 -7.17
N TYR A 481 17.73 34.89 -7.76
CA TYR A 481 19.09 35.28 -8.07
C TYR A 481 19.43 34.77 -9.47
N PRO A 482 20.19 35.51 -10.28
CA PRO A 482 20.52 34.99 -11.59
C PRO A 482 21.47 33.84 -11.54
N GLU A 483 21.50 33.06 -12.67
CA GLU A 483 22.26 31.87 -12.74
C GLU A 483 23.73 32.02 -12.49
N ASP A 484 24.30 33.06 -13.09
N ASP A 484 24.29 33.05 -13.10
CA ASP A 484 25.75 33.22 -12.91
CA ASP A 484 25.75 33.24 -12.94
C ASP A 484 26.18 33.56 -11.47
C ASP A 484 26.16 33.41 -11.43
N LEU A 485 25.29 34.22 -10.76
CA LEU A 485 25.52 34.55 -9.34
C LEU A 485 25.38 33.33 -8.50
N LYS A 486 24.31 32.57 -8.76
CA LYS A 486 24.09 31.35 -8.01
C LYS A 486 25.34 30.39 -8.08
N GLN A 487 25.78 30.27 -9.38
CA GLN A 487 26.93 29.36 -9.55
C GLN A 487 28.21 29.87 -8.86
N LYS A 488 28.41 31.17 -8.88
CA LYS A 488 29.53 31.78 -8.15
C LYS A 488 29.47 31.48 -6.67
N VAL A 489 28.30 31.67 -6.10
CA VAL A 489 28.09 31.36 -4.70
C VAL A 489 28.41 29.93 -4.38
N LEU A 490 27.83 29.05 -5.20
CA LEU A 490 28.07 27.61 -4.97
C LEU A 490 29.59 27.23 -5.10
N ASP A 491 30.19 27.82 -6.09
CA ASP A 491 31.61 27.50 -6.40
C ASP A 491 32.48 28.03 -5.29
N ASN A 492 32.09 29.13 -4.57
CA ASN A 492 32.93 29.74 -3.54
C ASN A 492 32.48 29.33 -2.13
N TRP A 493 31.50 28.46 -2.00
CA TRP A 493 30.83 28.14 -0.71
C TRP A 493 31.72 27.64 0.36
N THR A 494 32.44 26.54 0.02
CA THR A 494 33.37 25.99 1.00
C THR A 494 34.61 26.84 1.20
N LYS A 495 35.10 27.54 0.22
CA LYS A 495 36.18 28.51 0.28
C LYS A 495 35.91 29.55 1.29
N MET A 496 34.66 30.07 1.26
CA MET A 496 34.29 31.19 2.14
C MET A 496 34.25 30.78 3.53
N GLY A 497 34.01 29.51 3.84
CA GLY A 497 33.77 28.90 5.16
C GLY A 497 32.52 28.15 5.55
N PHE A 498 31.62 27.95 4.61
CA PHE A 498 30.35 27.33 4.84
C PHE A 498 30.42 25.80 4.64
N SER A 499 29.39 25.03 4.93
CA SER A 499 29.49 23.59 4.62
C SER A 499 28.75 23.19 3.42
N HIS A 503 27.18 14.56 1.19
CA HIS A 503 27.37 13.88 -0.10
C HIS A 503 26.06 13.21 -0.54
N HIS A 504 25.76 13.27 -1.83
CA HIS A 504 24.52 12.72 -2.36
C HIS A 504 24.23 11.27 -1.93
N HIS A 505 25.21 10.36 -1.96
CA HIS A 505 24.89 8.95 -1.67
C HIS A 505 24.86 8.56 -0.17
N HIS A 506 25.31 9.45 0.73
CA HIS A 506 25.26 9.16 2.20
C9 4LU B . -2.72 -2.41 2.27
C8 4LU B . -1.47 -2.61 2.79
C7 4LU B . -1.33 -2.97 4.15
C10 4LU B . -6.29 -2.72 3.21
C6 4LU B . -2.50 -3.16 4.95
N3 4LU B . -8.48 -3.57 4.50
C2 4LU B . -8.57 -3.08 3.22
C13 4LU B . -2.96 -5.13 6.39
C5 4LU B . -2.53 -3.67 6.39
C1 4LU B . -4.82 -2.85 6.55
O2 4LU B . -9.69 -3.22 2.63
N1 4LU B . -7.45 -2.66 2.55
C4 4LU B . -7.27 -3.63 5.17
O4 4LU B . -7.35 -4.12 6.32
C4A 4LU B . -6.17 -3.13 4.54
N5 4LU B . -4.92 -3.08 5.15
C3 4LU B . -3.54 -2.79 7.15
C12 4LU B . -1.23 -3.62 7.23
C5A 4LU B . -3.75 -2.94 4.37
C7M 4LU B . 0.09 -3.22 4.63
C8M 4LU B . -0.24 -2.33 1.96
C9A 4LU B . -3.88 -2.57 3.04
N10 4LU B . -5.16 -2.31 2.49
C1' 4LU B . -5.35 -1.54 1.26
C2' 4LU B . -5.73 -2.36 0.06
O2' 4LU B . -4.76 -3.40 -0.19
C3' 4LU B . -5.87 -1.52 -1.20
O3' 4LU B . -6.98 -0.62 -0.95
C4' 4LU B . -6.11 -2.34 -2.45
O4' 4LU B . -6.47 -1.40 -3.52
C5' 4LU B . -7.21 -3.38 -2.31
O5' 4LU B . -7.23 -4.18 -3.54
P 4LU B . -8.51 -4.14 -4.51
O2P 4LU B . -8.26 -5.32 -5.41
O3P 4LU B . -8.41 -2.84 -5.25
O1P 4LU B . -9.78 -4.23 -3.68
MN MN C . -8.65 -5.60 -7.55
K K D . -5.48 -4.89 -5.83
K K E . -6.16 29.37 -4.77
O JQ8 F . -17.23 -0.53 8.05
C8 JQ8 F . -16.47 -0.02 7.09
O1 JQ8 F . -17.01 0.27 6.02
C7 JQ8 F . -15.11 0.17 7.53
C6 JQ8 F . -14.03 0.31 7.86
C5 JQ8 F . -12.66 0.48 8.28
C4 JQ8 F . -12.36 0.04 9.54
C3 JQ8 F . -11.02 0.18 9.92
C2 JQ8 F . -10.05 0.78 9.06
C1 JQ8 F . -10.42 1.20 7.80
C JQ8 F . -11.78 1.08 7.42
O JQ8 G . -4.88 0.41 8.90
C8 JQ8 G . -5.95 -0.33 8.79
O1 JQ8 G . -6.11 -1.34 9.46
C7 JQ8 G . -6.64 -0.15 7.47
C6 JQ8 G . -7.11 0.01 6.43
C5 JQ8 G . -7.65 0.19 5.07
C4 JQ8 G . -8.90 -0.17 4.67
C3 JQ8 G . -9.26 0.05 3.35
C2 JQ8 G . -8.40 0.66 2.44
C1 JQ8 G . -7.14 1.02 2.93
C JQ8 G . -6.72 0.79 4.20
O JQ8 H . -21.87 2.30 11.94
C8 JQ8 H . -21.13 3.20 12.34
O1 JQ8 H . -21.50 4.32 12.68
C7 JQ8 H . -19.64 2.98 12.38
C6 JQ8 H . -18.53 2.83 12.33
C5 JQ8 H . -17.31 2.62 11.92
C4 JQ8 H . -16.36 3.25 12.75
C3 JQ8 H . -15.02 2.92 12.74
C2 JQ8 H . -14.59 1.97 11.89
C1 JQ8 H . -15.49 1.32 11.04
C JQ8 H . -16.83 1.60 11.04
#